data_4MH6
#
_entry.id   4MH6
#
_cell.length_a   149.114
_cell.length_b   149.114
_cell.length_c   63.422
_cell.angle_alpha   90.00
_cell.angle_beta   90.00
_cell.angle_gamma   90.00
#
_symmetry.space_group_name_H-M   'I 41 2 2'
#
loop_
_entity.id
_entity.type
_entity.pdbx_description
1 polymer 'Putative type III secretion protein YscO'
2 non-polymer 'PHOSPHATE ION'
3 water water
#
_entity_poly.entity_id   1
_entity_poly.type   'polypeptide(L)'
_entity_poly.pdbx_seq_one_letter_code
;(MSE)HHHHHHSSGVDLGTENLYFQSNA(MSE)IERLLEIKKIRADRADKAVQRQEYRVANVAAELQKAERSVADYHVWR
QEEEERRFAKAKQQTVLLKELETLRQEIALLREREAELKQRVAEVKVTLEQERTLLKQKQQEALQAHKTKEKFVQLQQQE
IAEQSRQQQYQEELEQEEFRTVDII
;
_entity_poly.pdbx_strand_id   A
#
# COMPACT_ATOMS: atom_id res chain seq x y z
N GLY A 14 -22.93 42.35 -14.59
CA GLY A 14 -24.25 41.75 -14.94
C GLY A 14 -24.20 40.87 -16.19
N THR A 15 -23.28 39.91 -16.20
CA THR A 15 -23.07 38.94 -17.31
C THR A 15 -22.46 39.67 -18.52
N GLU A 16 -21.15 39.53 -18.77
CA GLU A 16 -20.21 38.67 -18.03
C GLU A 16 -19.85 38.90 -16.54
N ASN A 17 -20.73 38.41 -15.68
CA ASN A 17 -20.57 38.35 -14.24
C ASN A 17 -20.57 36.83 -14.15
N LEU A 18 -20.54 36.22 -15.34
CA LEU A 18 -20.44 34.78 -15.51
C LEU A 18 -19.01 34.40 -15.22
N TYR A 19 -18.09 35.38 -15.28
CA TYR A 19 -16.70 35.13 -14.89
C TYR A 19 -16.59 34.98 -13.37
N PHE A 20 -17.44 35.65 -12.63
CA PHE A 20 -17.45 35.48 -11.17
C PHE A 20 -17.87 34.03 -10.94
N GLN A 21 -18.94 33.56 -11.63
CA GLN A 21 -19.36 32.15 -11.48
C GLN A 21 -18.34 31.18 -12.04
N SER A 22 -17.87 31.42 -13.25
CA SER A 22 -16.86 30.57 -13.85
C SER A 22 -15.72 30.27 -12.89
N ASN A 23 -15.20 31.36 -12.33
CA ASN A 23 -14.06 31.29 -11.44
C ASN A 23 -14.29 30.64 -10.11
N ALA A 24 -15.53 30.65 -9.66
CA ALA A 24 -15.89 30.06 -8.40
C ALA A 24 -16.10 28.60 -8.62
N ILE A 26 -14.66 26.90 -10.89
CA ILE A 26 -13.32 26.37 -11.10
C ILE A 26 -12.52 26.23 -9.80
N GLU A 27 -12.56 27.24 -8.95
CA GLU A 27 -11.88 27.18 -7.69
C GLU A 27 -12.39 25.98 -6.91
N ARG A 28 -13.71 25.82 -6.88
CA ARG A 28 -14.28 24.72 -6.14
C ARG A 28 -13.90 23.40 -6.76
N LEU A 29 -13.92 23.30 -8.08
CA LEU A 29 -13.49 22.05 -8.71
C LEU A 29 -12.04 21.76 -8.37
N LEU A 30 -11.22 22.79 -8.45
CA LEU A 30 -9.83 22.62 -8.16
C LEU A 30 -9.65 22.13 -6.72
N GLU A 31 -10.39 22.75 -5.80
CA GLU A 31 -10.32 22.39 -4.40
C GLU A 31 -10.67 20.92 -4.25
N ILE A 32 -11.67 20.45 -4.99
CA ILE A 32 -12.06 19.03 -4.91
C ILE A 32 -10.94 18.16 -5.40
N LYS A 33 -10.32 18.54 -6.52
CA LYS A 33 -9.19 17.78 -7.07
C LYS A 33 -7.97 17.83 -6.10
N LYS A 34 -7.72 18.97 -5.43
CA LYS A 34 -6.61 19.03 -4.48
C LYS A 34 -6.88 18.09 -3.34
N ILE A 35 -8.12 18.11 -2.90
CA ILE A 35 -8.57 17.22 -1.83
C ILE A 35 -8.39 15.77 -2.26
N ARG A 36 -8.73 15.44 -3.51
CA ARG A 36 -8.60 14.05 -3.96
C ARG A 36 -7.12 13.64 -4.05
N ALA A 37 -6.27 14.61 -4.39
CA ALA A 37 -4.85 14.36 -4.48
C ALA A 37 -4.29 14.11 -3.10
N ASP A 38 -4.72 14.87 -2.09
CA ASP A 38 -4.20 14.68 -0.75
C ASP A 38 -4.60 13.34 -0.25
N ARG A 39 -5.86 13.00 -0.50
CA ARG A 39 -6.41 11.72 -0.09
C ARG A 39 -5.64 10.60 -0.75
N ALA A 40 -5.29 10.81 -2.01
CA ALA A 40 -4.51 9.83 -2.77
C ALA A 40 -3.11 9.63 -2.13
N ASP A 41 -2.45 10.75 -1.76
CA ASP A 41 -1.14 10.74 -1.10
C ASP A 41 -1.22 10.01 0.23
N LYS A 42 -2.25 10.29 0.99
CA LYS A 42 -2.45 9.69 2.29
C LYS A 42 -2.70 8.20 2.12
N ALA A 43 -3.40 7.83 1.06
CA ALA A 43 -3.69 6.41 0.82
C ALA A 43 -2.36 5.70 0.54
N VAL A 44 -1.42 6.42 -0.07
CA VAL A 44 -0.10 5.88 -0.34
C VAL A 44 0.63 5.72 0.97
N GLN A 45 0.67 6.78 1.77
CA GLN A 45 1.38 6.74 3.03
C GLN A 45 0.90 5.58 3.91
N ARG A 46 -0.41 5.43 4.01
CA ARG A 46 -0.95 4.35 4.82
C ARG A 46 -0.52 3.03 4.23
N GLN A 47 -0.44 2.98 2.90
CA GLN A 47 -0.09 1.73 2.23
C GLN A 47 1.38 1.39 2.44
N GLU A 48 2.20 2.42 2.57
CA GLU A 48 3.61 2.21 2.85
C GLU A 48 3.70 1.63 4.28
N TYR A 49 2.77 2.01 5.15
CA TYR A 49 2.77 1.47 6.51
C TYR A 49 2.45 -0.03 6.47
N ARG A 50 1.41 -0.38 5.72
CA ARG A 50 1.00 -1.76 5.58
C ARG A 50 2.16 -2.61 5.03
N VAL A 51 2.90 -2.09 4.05
CA VAL A 51 4.03 -2.84 3.49
C VAL A 51 5.07 -3.09 4.59
N ALA A 52 5.53 -2.04 5.23
CA ALA A 52 6.50 -2.15 6.30
C ALA A 52 6.02 -3.08 7.39
N ASN A 53 4.74 -3.01 7.67
CA ASN A 53 4.21 -3.84 8.71
C ASN A 53 4.27 -5.33 8.36
N VAL A 54 3.95 -5.65 7.10
CA VAL A 54 3.98 -7.03 6.64
C VAL A 54 5.42 -7.54 6.56
N ALA A 55 6.33 -6.67 6.15
CA ALA A 55 7.74 -7.04 6.07
C ALA A 55 8.25 -7.44 7.44
N ALA A 56 7.80 -6.73 8.47
CA ALA A 56 8.22 -7.03 9.83
C ALA A 56 7.70 -8.37 10.24
N GLU A 57 6.46 -8.65 9.87
CA GLU A 57 5.84 -9.95 10.14
C GLU A 57 6.56 -11.09 9.44
N LEU A 58 7.04 -10.79 8.22
CA LEU A 58 7.78 -11.77 7.43
C LEU A 58 9.06 -12.11 8.10
N GLN A 59 9.77 -11.08 8.51
CA GLN A 59 11.04 -11.20 9.19
C GLN A 59 10.88 -12.14 10.41
N LYS A 60 9.83 -11.92 11.23
CA LYS A 60 9.54 -12.76 12.41
C LYS A 60 9.23 -14.19 12.05
N ALA A 61 8.40 -14.35 11.01
CA ALA A 61 8.02 -15.68 10.57
C ALA A 61 9.25 -16.51 10.15
N GLU A 62 10.17 -15.89 9.43
CA GLU A 62 11.41 -16.56 8.97
C GLU A 62 12.32 -16.93 10.13
N ARG A 63 12.37 -16.07 11.12
CA ARG A 63 13.16 -16.30 12.29
C ARG A 63 12.61 -17.55 13.01
N SER A 64 11.29 -17.65 13.10
CA SER A 64 10.63 -18.77 13.77
C SER A 64 10.92 -20.11 13.11
N VAL A 65 10.88 -20.20 11.78
CA VAL A 65 11.18 -21.48 11.11
C VAL A 65 12.63 -21.83 11.30
N ALA A 66 13.51 -20.81 11.16
CA ALA A 66 14.95 -21.04 11.29
C ALA A 66 15.22 -21.69 12.63
N ASP A 67 14.69 -21.07 13.69
CA ASP A 67 14.85 -21.57 15.04
C ASP A 67 14.26 -22.95 15.26
N TYR A 68 13.02 -23.12 14.84
CA TYR A 68 12.32 -24.37 15.03
C TYR A 68 13.03 -25.50 14.31
N HIS A 69 13.42 -25.24 13.09
CA HIS A 69 14.07 -26.22 12.24
C HIS A 69 15.23 -26.94 12.94
N VAL A 70 16.03 -26.17 13.67
CA VAL A 70 17.18 -26.68 14.40
C VAL A 70 16.73 -27.64 15.50
N TRP A 71 15.75 -27.23 16.28
CA TRP A 71 15.26 -28.11 17.33
C TRP A 71 14.62 -29.33 16.71
N ARG A 72 13.83 -29.13 15.66
CA ARG A 72 13.12 -30.22 15.03
C ARG A 72 14.06 -31.32 14.58
N GLN A 73 15.18 -30.95 13.95
CA GLN A 73 16.14 -31.93 13.50
C GLN A 73 16.66 -32.71 14.68
N GLU A 74 17.07 -31.99 15.72
CA GLU A 74 17.59 -32.63 16.91
C GLU A 74 16.60 -33.56 17.60
N GLU A 75 15.39 -33.06 17.75
CA GLU A 75 14.33 -33.78 18.42
C GLU A 75 13.95 -35.02 17.67
N GLU A 76 14.05 -34.94 16.36
CA GLU A 76 13.76 -36.07 15.50
C GLU A 76 14.87 -37.13 15.61
N GLU A 77 16.13 -36.69 15.63
CA GLU A 77 17.25 -37.62 15.75
C GLU A 77 17.29 -38.30 17.12
N ARG A 78 16.87 -37.57 18.15
CA ARG A 78 16.80 -38.12 19.50
C ARG A 78 15.81 -39.27 19.54
N ARG A 79 14.71 -39.11 18.85
CA ARG A 79 13.68 -40.13 18.81
C ARG A 79 14.06 -41.32 17.97
N PHE A 80 14.79 -41.12 16.88
CA PHE A 80 15.21 -42.25 16.10
C PHE A 80 16.25 -43.06 16.89
N ALA A 81 17.11 -42.34 17.63
CA ALA A 81 18.16 -42.94 18.43
C ALA A 81 17.57 -43.77 19.57
N LYS A 82 16.62 -43.20 20.28
CA LYS A 82 15.98 -43.92 21.38
C LYS A 82 15.41 -45.22 20.83
N ALA A 83 14.65 -45.11 19.75
CA ALA A 83 14.03 -46.27 19.09
C ALA A 83 15.06 -47.32 18.65
N LYS A 84 16.22 -46.89 18.18
CA LYS A 84 17.23 -47.84 17.71
C LYS A 84 17.96 -48.48 18.88
N GLN A 85 18.46 -47.62 19.77
CA GLN A 85 19.26 -48.03 20.93
C GLN A 85 18.50 -48.54 22.15
N GLN A 86 17.31 -49.07 21.92
CA GLN A 86 16.49 -49.66 22.96
C GLN A 86 15.65 -50.53 22.06
N THR A 87 15.65 -51.83 22.27
CA THR A 87 14.72 -52.68 21.53
C THR A 87 13.31 -52.48 22.12
N VAL A 88 12.77 -51.28 21.89
CA VAL A 88 11.44 -50.87 22.40
C VAL A 88 10.26 -51.64 21.77
N LEU A 89 9.12 -51.61 22.46
N LEU A 89 9.12 -51.59 22.46
CA LEU A 89 7.93 -52.29 21.98
CA LEU A 89 7.92 -52.29 22.00
C LEU A 89 7.18 -51.45 20.94
C LEU A 89 7.15 -51.45 20.96
N LEU A 90 6.52 -52.14 20.01
CA LEU A 90 5.76 -51.52 18.90
C LEU A 90 4.93 -50.23 19.12
N LYS A 91 4.08 -50.17 20.14
CA LYS A 91 3.28 -48.95 20.29
C LYS A 91 4.08 -47.75 20.78
N GLU A 92 5.20 -47.98 21.48
CA GLU A 92 6.08 -46.87 21.89
C GLU A 92 6.85 -46.44 20.65
N LEU A 93 7.27 -47.41 19.85
CA LEU A 93 7.96 -47.13 18.61
C LEU A 93 7.07 -46.27 17.73
N GLU A 94 5.77 -46.54 17.78
CA GLU A 94 4.83 -45.76 16.99
C GLU A 94 4.43 -44.45 17.65
N THR A 95 4.59 -44.36 18.97
CA THR A 95 4.30 -43.11 19.67
C THR A 95 5.44 -42.15 19.34
N LEU A 96 6.63 -42.69 19.16
CA LEU A 96 7.80 -41.89 18.78
C LEU A 96 7.61 -41.41 17.33
N ARG A 97 7.11 -42.29 16.45
CA ARG A 97 6.89 -41.89 15.06
C ARG A 97 5.81 -40.82 14.95
N GLN A 98 4.83 -40.83 15.85
CA GLN A 98 3.81 -39.80 15.79
C GLN A 98 4.38 -38.49 16.31
N GLU A 99 5.24 -38.57 17.31
CA GLU A 99 5.85 -37.36 17.87
C GLU A 99 6.65 -36.67 16.78
N ILE A 100 7.33 -37.46 15.95
CA ILE A 100 8.11 -36.95 14.85
C ILE A 100 7.19 -36.26 13.84
N ALA A 101 6.10 -36.93 13.52
CA ALA A 101 5.14 -36.40 12.59
C ALA A 101 4.65 -35.04 13.09
N LEU A 102 4.28 -34.96 14.36
CA LEU A 102 3.78 -33.72 14.92
C LEU A 102 4.82 -32.60 14.87
N LEU A 103 6.07 -32.97 15.13
CA LEU A 103 7.18 -32.04 15.08
C LEU A 103 7.34 -31.49 13.66
N ARG A 104 7.21 -32.37 12.69
CA ARG A 104 7.32 -31.99 11.30
C ARG A 104 6.11 -31.18 10.80
N GLU A 105 4.92 -31.50 11.31
CA GLU A 105 3.73 -30.76 10.90
C GLU A 105 3.83 -29.32 11.36
N ARG A 106 4.40 -29.13 12.54
CA ARG A 106 4.55 -27.82 13.11
C ARG A 106 5.50 -26.99 12.28
N GLU A 107 6.52 -27.64 11.75
CA GLU A 107 7.47 -26.94 10.91
C GLU A 107 6.79 -26.61 9.61
N ALA A 108 5.98 -27.53 9.11
CA ALA A 108 5.27 -27.31 7.86
C ALA A 108 4.35 -26.09 8.02
N GLU A 109 3.70 -25.99 9.16
CA GLU A 109 2.81 -24.86 9.48
C GLU A 109 3.60 -23.55 9.50
N LEU A 110 4.79 -23.59 10.08
CA LEU A 110 5.66 -22.43 10.18
C LEU A 110 6.17 -22.00 8.79
N LYS A 111 6.53 -22.97 7.93
CA LYS A 111 6.98 -22.65 6.59
C LYS A 111 5.82 -22.13 5.76
N GLN A 112 4.61 -22.62 6.07
CA GLN A 112 3.40 -22.23 5.37
C GLN A 112 3.11 -20.76 5.68
N ARG A 113 3.26 -20.38 6.95
CA ARG A 113 3.08 -19.01 7.38
C ARG A 113 4.03 -18.07 6.59
N VAL A 114 5.29 -18.48 6.40
CA VAL A 114 6.25 -17.64 5.65
C VAL A 114 5.80 -17.43 4.21
N ALA A 115 5.38 -18.51 3.58
CA ALA A 115 4.89 -18.46 2.22
C ALA A 115 3.70 -17.48 2.14
N GLU A 116 2.74 -17.68 3.06
CA GLU A 116 1.53 -16.85 3.12
C GLU A 116 1.87 -15.38 3.31
N VAL A 117 2.82 -15.09 4.19
CA VAL A 117 3.23 -13.71 4.44
C VAL A 117 4.00 -13.16 3.24
N LYS A 118 4.78 -13.99 2.56
CA LYS A 118 5.48 -13.50 1.36
C LYS A 118 4.50 -13.11 0.27
N VAL A 119 3.44 -13.89 0.11
CA VAL A 119 2.43 -13.58 -0.89
C VAL A 119 1.75 -12.26 -0.50
N THR A 120 1.50 -12.12 0.79
CA THR A 120 0.83 -10.97 1.31
C THR A 120 1.65 -9.74 1.03
N LEU A 121 2.96 -9.88 1.15
CA LEU A 121 3.85 -8.78 0.93
C LEU A 121 3.89 -8.41 -0.55
N GLU A 122 3.91 -9.37 -1.48
CA GLU A 122 3.94 -8.95 -2.88
C GLU A 122 2.59 -8.33 -3.25
N GLN A 123 1.53 -8.77 -2.60
CA GLN A 123 0.22 -8.19 -2.81
C GLN A 123 0.13 -6.75 -2.28
N GLU A 124 0.75 -6.49 -1.12
CA GLU A 124 0.72 -5.13 -0.55
C GLU A 124 1.57 -4.20 -1.40
N ARG A 125 2.69 -4.73 -1.89
CA ARG A 125 3.55 -3.93 -2.77
C ARG A 125 2.84 -3.64 -4.09
N THR A 126 2.02 -4.59 -4.55
CA THR A 126 1.30 -4.40 -5.77
C THR A 126 0.26 -3.31 -5.55
N LEU A 127 -0.42 -3.35 -4.38
CA LEU A 127 -1.40 -2.30 -4.08
C LEU A 127 -0.71 -0.95 -3.93
N LEU A 128 0.45 -0.94 -3.31
CA LEU A 128 1.15 0.30 -3.18
C LEU A 128 1.35 0.87 -4.55
N LYS A 129 1.78 0.02 -5.47
CA LYS A 129 2.04 0.42 -6.84
C LYS A 129 0.78 1.04 -7.47
N GLN A 130 -0.39 0.43 -7.25
CA GLN A 130 -1.65 0.97 -7.79
C GLN A 130 -1.99 2.32 -7.16
N LYS A 131 -1.79 2.42 -5.85
CA LYS A 131 -2.01 3.65 -5.10
C LYS A 131 -1.14 4.79 -5.63
N GLN A 132 0.09 4.45 -5.97
CA GLN A 132 1.01 5.44 -6.53
C GLN A 132 0.55 5.87 -7.90
N GLN A 133 -0.01 4.94 -8.66
CA GLN A 133 -0.51 5.26 -9.96
C GLN A 133 -1.70 6.24 -9.83
N GLU A 134 -2.57 5.99 -8.86
CA GLU A 134 -3.72 6.84 -8.62
C GLU A 134 -3.29 8.23 -8.12
N ALA A 135 -2.29 8.25 -7.26
CA ALA A 135 -1.77 9.50 -6.74
C ALA A 135 -1.20 10.33 -7.86
N LEU A 136 -0.44 9.69 -8.75
N LEU A 136 -0.45 9.68 -8.75
CA LEU A 136 0.15 10.38 -9.89
CA LEU A 136 0.13 10.37 -9.89
C LEU A 136 -0.97 10.99 -10.77
C LEU A 136 -0.98 10.99 -10.75
N GLN A 137 -1.99 10.19 -11.06
CA GLN A 137 -3.11 10.64 -11.87
C GLN A 137 -3.88 11.78 -11.17
N ALA A 138 -4.06 11.67 -9.87
CA ALA A 138 -4.77 12.69 -9.12
C ALA A 138 -3.99 13.98 -9.22
N HIS A 139 -2.67 13.87 -9.18
CA HIS A 139 -1.84 15.06 -9.28
C HIS A 139 -1.84 15.65 -10.69
N LYS A 140 -1.83 14.80 -11.72
CA LYS A 140 -1.85 15.30 -13.09
C LYS A 140 -3.15 16.05 -13.32
N THR A 141 -4.22 15.56 -12.72
CA THR A 141 -5.54 16.15 -12.86
C THR A 141 -5.62 17.50 -12.12
N LYS A 142 -5.06 17.55 -10.92
CA LYS A 142 -5.01 18.78 -10.15
C LYS A 142 -4.30 19.87 -10.95
N GLU A 143 -3.12 19.55 -11.48
CA GLU A 143 -2.33 20.51 -12.25
C GLU A 143 -3.11 21.00 -13.47
N LYS A 144 -3.89 20.09 -14.04
CA LYS A 144 -4.67 20.39 -15.20
C LYS A 144 -5.67 21.46 -14.82
N PHE A 145 -6.27 21.32 -13.63
CA PHE A 145 -7.24 22.29 -13.16
C PHE A 145 -6.62 23.58 -12.67
N VAL A 146 -5.35 23.51 -12.29
CA VAL A 146 -4.59 24.71 -11.93
C VAL A 146 -4.44 25.58 -13.21
N GLN A 147 -4.12 24.93 -14.34
CA GLN A 147 -3.97 25.60 -15.61
C GLN A 147 -5.28 26.23 -16.05
N LEU A 148 -6.35 25.43 -16.04
CA LEU A 148 -7.68 25.92 -16.40
C LEU A 148 -8.01 27.16 -15.60
N GLN A 149 -7.62 27.16 -14.34
CA GLN A 149 -7.89 28.30 -13.51
C GLN A 149 -7.09 29.53 -13.93
N GLN A 150 -5.81 29.34 -14.24
CA GLN A 150 -4.96 30.43 -14.66
C GLN A 150 -5.49 30.99 -15.98
N GLN A 151 -5.99 30.11 -16.83
CA GLN A 151 -6.56 30.51 -18.11
C GLN A 151 -7.85 31.28 -17.93
N GLU A 152 -8.71 30.79 -17.03
CA GLU A 152 -10.00 31.44 -16.80
C GLU A 152 -9.76 32.84 -16.26
N ILE A 153 -8.75 32.98 -15.40
CA ILE A 153 -8.39 34.27 -14.83
C ILE A 153 -7.75 35.16 -15.91
N ALA A 154 -7.00 34.56 -16.83
CA ALA A 154 -6.36 35.32 -17.89
C ALA A 154 -7.45 35.92 -18.79
N GLU A 155 -8.46 35.12 -19.14
CA GLU A 155 -9.56 35.58 -19.97
C GLU A 155 -10.30 36.70 -19.27
N GLN A 156 -10.68 36.47 -18.02
CA GLN A 156 -11.40 37.46 -17.25
C GLN A 156 -10.60 38.75 -17.19
N SER A 157 -9.30 38.61 -16.94
CA SER A 157 -8.38 39.74 -16.83
C SER A 157 -8.26 40.52 -18.13
N ARG A 158 -8.09 39.78 -19.23
CA ARG A 158 -7.95 40.33 -20.58
C ARG A 158 -9.22 41.08 -20.96
N GLN A 159 -10.35 40.56 -20.49
CA GLN A 159 -11.66 41.12 -20.73
C GLN A 159 -11.75 42.45 -19.99
N GLN A 160 -11.51 42.41 -18.68
N GLN A 160 -11.52 42.42 -18.68
CA GLN A 160 -11.55 43.58 -17.82
CA GLN A 160 -11.59 43.63 -17.86
C GLN A 160 -10.64 44.72 -18.28
C GLN A 160 -10.67 44.75 -18.33
N GLN A 161 -9.52 44.40 -18.92
CA GLN A 161 -8.59 45.44 -19.41
C GLN A 161 -9.18 46.11 -20.65
N TYR A 162 -9.63 45.30 -21.59
CA TYR A 162 -10.26 45.78 -22.82
C TYR A 162 -11.38 46.77 -22.51
N GLN A 163 -12.17 46.48 -21.48
CA GLN A 163 -13.27 47.37 -21.09
C GLN A 163 -12.68 48.69 -20.66
N GLU A 164 -11.69 48.62 -19.77
CA GLU A 164 -11.01 49.81 -19.25
C GLU A 164 -10.39 50.67 -20.34
N GLU A 165 -9.81 50.05 -21.36
CA GLU A 165 -9.22 50.80 -22.47
C GLU A 165 -10.29 51.56 -23.27
N LEU A 166 -11.52 51.04 -23.22
CA LEU A 166 -12.65 51.69 -23.89
C LEU A 166 -13.20 52.78 -22.97
N GLU A 167 -13.22 52.52 -21.67
CA GLU A 167 -13.70 53.50 -20.70
C GLU A 167 -12.85 54.77 -20.72
N GLN A 168 -11.58 54.64 -21.14
CA GLN A 168 -10.70 55.81 -21.26
C GLN A 168 -11.25 56.73 -22.35
N GLU A 169 -12.03 56.17 -23.27
CA GLU A 169 -12.64 56.95 -24.35
C GLU A 169 -13.97 57.59 -23.90
N GLU A 170 -14.22 57.53 -22.59
CA GLU A 170 -15.36 58.17 -21.96
C GLU A 170 -14.85 59.32 -21.11
N PHE A 171 -13.54 59.59 -21.20
CA PHE A 171 -12.92 60.70 -20.49
C PHE A 171 -11.85 61.38 -21.37
N ARG A 172 -10.90 60.59 -21.87
CA ARG A 172 -9.83 61.14 -22.71
C ARG A 172 -9.15 60.07 -23.56
#